data_3HDV
#
_entry.id   3HDV
#
_cell.length_a   110.769
_cell.length_b   140.436
_cell.length_c   48.571
_cell.angle_alpha   90.00
_cell.angle_beta   90.00
_cell.angle_gamma   90.00
#
_symmetry.space_group_name_H-M   'P 21 21 2'
#
loop_
_entity.id
_entity.type
_entity.pdbx_description
1 polymer 'Response regulator'
2 water water
#
_entity_poly.entity_id   1
_entity_poly.type   'polypeptide(L)'
_entity_poly.pdbx_seq_one_letter_code
;(MSE)SLVAARPLVLVVDDNAVNREALILYLKSRGIDAVGADGAEEARLYLHYQKRIGL(MSE)ITDLR(MSE)QPESGL
DLIRTIRASERAALSIIVVSGDTDVEEAVDV(MSE)HLGVVDFLLKPVDLGKLLELVNKELKIGEGHHHHHH
;
_entity_poly.pdbx_strand_id   A,B,C,D
#
# COMPACT_ATOMS: atom_id res chain seq x y z
N ARG A 7 -15.42 -22.20 50.77
CA ARG A 7 -16.13 -21.10 50.04
C ARG A 7 -15.17 -20.21 49.19
N PRO A 8 -15.50 -20.05 47.89
CA PRO A 8 -14.56 -19.39 46.98
C PRO A 8 -14.49 -17.87 47.17
N LEU A 9 -13.31 -17.35 46.98
CA LEU A 9 -13.10 -15.96 47.10
C LEU A 9 -12.61 -15.37 45.79
N VAL A 10 -13.02 -14.13 45.53
CA VAL A 10 -12.57 -13.35 44.40
C VAL A 10 -11.70 -12.23 44.88
N LEU A 11 -10.54 -12.06 44.26
CA LEU A 11 -9.64 -11.04 44.69
C LEU A 11 -9.75 -9.88 43.72
N VAL A 12 -9.97 -8.68 44.24
CA VAL A 12 -10.14 -7.50 43.35
C VAL A 12 -8.92 -6.62 43.56
N VAL A 13 -8.24 -6.28 42.47
CA VAL A 13 -7.02 -5.58 42.57
C VAL A 13 -7.13 -4.25 41.80
N ASP A 14 -6.86 -3.17 42.51
CA ASP A 14 -7.04 -1.82 41.98
C ASP A 14 -6.36 -0.90 43.02
N ASP A 15 -5.56 0.05 42.51
CA ASP A 15 -4.89 0.99 43.40
C ASP A 15 -5.84 2.13 43.72
N ASN A 16 -7.00 2.16 43.05
CA ASN A 16 -8.07 3.07 43.39
C ASN A 16 -9.03 2.46 44.41
N ALA A 17 -8.86 2.91 45.65
CA ALA A 17 -9.57 2.34 46.80
C ALA A 17 -11.08 2.49 46.65
N VAL A 18 -11.51 3.60 46.08
CA VAL A 18 -12.95 3.85 45.92
C VAL A 18 -13.62 2.89 44.88
N ASN A 19 -13.01 2.74 43.71
CA ASN A 19 -13.47 1.81 42.67
C ASN A 19 -13.40 0.39 43.20
N ARG A 20 -12.29 0.10 43.89
CA ARG A 20 -12.07 -1.25 44.42
C ARG A 20 -13.17 -1.66 45.41
N GLU A 21 -13.41 -0.82 46.41
CA GLU A 21 -14.42 -1.10 47.44
C GLU A 21 -15.84 -1.18 46.85
N ALA A 22 -16.12 -0.34 45.85
CA ALA A 22 -17.43 -0.39 45.22
C ALA A 22 -17.62 -1.69 44.41
N LEU A 23 -16.57 -2.24 43.76
CA LEU A 23 -16.78 -3.54 43.04
C LEU A 23 -16.91 -4.70 44.01
N ILE A 24 -16.09 -4.69 45.07
CA ILE A 24 -16.19 -5.71 46.10
C ILE A 24 -17.59 -5.72 46.72
N LEU A 25 -18.15 -4.54 46.97
CA LEU A 25 -19.53 -4.47 47.55
C LEU A 25 -20.55 -5.04 46.58
N TYR A 26 -20.41 -4.67 45.30
CA TYR A 26 -21.28 -5.22 44.28
C TYR A 26 -21.20 -6.76 44.18
N LEU A 27 -19.98 -7.31 44.11
CA LEU A 27 -19.82 -8.77 44.12
C LEU A 27 -20.56 -9.43 45.33
N LYS A 28 -20.27 -8.94 46.54
CA LYS A 28 -20.97 -9.38 47.75
C LYS A 28 -22.47 -9.32 47.61
N SER A 29 -22.96 -8.25 47.01
CA SER A 29 -24.41 -8.08 46.83
C SER A 29 -24.99 -9.19 45.97
N ARG A 30 -24.11 -9.88 45.25
CA ARG A 30 -24.54 -10.86 44.26
C ARG A 30 -24.23 -12.25 44.76
N GLY A 31 -23.83 -12.32 46.02
CA GLY A 31 -23.56 -13.61 46.65
C GLY A 31 -22.10 -14.04 46.51
N ILE A 32 -21.22 -13.15 46.04
CA ILE A 32 -19.84 -13.51 45.75
C ILE A 32 -18.94 -12.89 46.81
N ASP A 33 -18.25 -13.68 47.62
CA ASP A 33 -17.30 -13.10 48.59
C ASP A 33 -16.09 -12.58 47.87
N ALA A 34 -15.58 -11.42 48.31
CA ALA A 34 -14.46 -10.80 47.62
C ALA A 34 -13.63 -10.03 48.58
N VAL A 35 -12.34 -9.86 48.27
CA VAL A 35 -11.42 -9.11 49.11
C VAL A 35 -10.59 -8.26 48.16
N GLY A 36 -9.86 -7.29 48.69
CA GLY A 36 -9.19 -6.31 47.86
C GLY A 36 -7.70 -6.36 48.04
N ALA A 37 -6.98 -5.95 47.00
CA ALA A 37 -5.58 -5.65 47.11
C ALA A 37 -5.34 -4.33 46.45
N ASP A 38 -4.46 -3.50 47.01
CA ASP A 38 -4.23 -2.17 46.45
C ASP A 38 -3.17 -2.13 45.37
N GLY A 39 -2.63 -3.29 44.98
CA GLY A 39 -1.61 -3.31 43.93
C GLY A 39 -1.04 -4.69 43.74
N ALA A 40 -0.02 -4.80 42.88
CA ALA A 40 0.67 -6.08 42.60
C ALA A 40 1.27 -6.87 43.79
N GLU A 41 2.01 -6.17 44.65
CA GLU A 41 2.62 -6.75 45.85
C GLU A 41 1.58 -7.25 46.85
N GLU A 42 0.57 -6.43 47.16
CA GLU A 42 -0.49 -6.94 48.01
C GLU A 42 -1.26 -8.13 47.39
N ALA A 43 -1.50 -8.05 46.07
CA ALA A 43 -2.20 -9.10 45.32
C ALA A 43 -1.43 -10.42 45.40
N ARG A 44 -0.12 -10.39 45.14
CA ARG A 44 0.70 -11.65 45.23
C ARG A 44 0.72 -12.28 46.63
N LEU A 45 0.86 -11.44 47.65
CA LEU A 45 0.79 -11.90 49.07
C LEU A 45 -0.56 -12.53 49.39
N TYR A 46 -1.66 -11.93 48.94
CA TYR A 46 -2.95 -12.53 49.17
C TYR A 46 -3.06 -13.88 48.52
N LEU A 47 -2.73 -13.94 47.23
CA LEU A 47 -2.69 -15.20 46.46
C LEU A 47 -1.77 -16.22 47.13
N HIS A 48 -0.63 -15.76 47.63
CA HIS A 48 0.31 -16.66 48.33
C HIS A 48 -0.37 -17.35 49.50
N TYR A 49 -0.93 -16.58 50.43
CA TYR A 49 -1.41 -17.23 51.65
C TYR A 49 -2.86 -17.62 51.74
N GLN A 50 -3.71 -16.96 50.94
CA GLN A 50 -5.14 -17.17 50.96
C GLN A 50 -5.59 -18.04 49.80
N LYS A 51 -5.66 -19.33 50.08
CA LYS A 51 -5.89 -20.34 49.05
C LYS A 51 -7.35 -20.46 48.64
N ARG A 52 -8.24 -19.80 49.37
CA ARG A 52 -9.64 -19.70 48.96
C ARG A 52 -9.80 -18.93 47.63
N ILE A 53 -8.88 -18.02 47.32
CA ILE A 53 -8.99 -17.22 46.08
C ILE A 53 -8.95 -18.13 44.84
N GLY A 54 -10.06 -18.20 44.12
CA GLY A 54 -10.14 -18.93 42.86
C GLY A 54 -10.25 -18.05 41.62
N LEU A 55 -10.24 -16.73 41.82
CA LEU A 55 -10.34 -15.81 40.71
C LEU A 55 -9.86 -14.44 41.10
N MSE A 56 -9.21 -13.78 40.14
CA MSE A 56 -8.73 -12.46 40.37
C MSE A 56 -9.24 -11.52 39.28
O MSE A 56 -9.17 -11.84 38.08
CB MSE A 56 -7.19 -12.41 40.37
CG MSE A 56 -6.66 -10.97 40.56
SE MSE A 56 -4.65 -10.96 40.62
CE MSE A 56 -4.33 -10.83 38.66
N ILE A 57 -9.71 -10.35 39.71
CA ILE A 57 -10.10 -9.27 38.81
C ILE A 57 -9.09 -8.14 39.03
N THR A 58 -8.48 -7.61 37.96
CA THR A 58 -7.49 -6.57 38.12
C THR A 58 -7.68 -5.46 37.08
N ASP A 59 -7.36 -4.23 37.46
CA ASP A 59 -7.13 -3.14 36.49
C ASP A 59 -5.74 -3.29 35.90
N LEU A 60 -5.47 -2.55 34.82
CA LEU A 60 -4.17 -2.50 34.22
C LEU A 60 -3.39 -1.24 34.66
N ARG A 61 -4.10 -0.19 34.95
CA ARG A 61 -3.52 1.08 35.33
C ARG A 61 -3.26 1.14 36.81
N MSE A 62 -2.05 0.79 37.22
CA MSE A 62 -1.73 0.83 38.63
C MSE A 62 -0.32 1.23 38.87
O MSE A 62 0.61 0.78 38.18
CB MSE A 62 -1.97 -0.52 39.30
CG MSE A 62 -3.43 -0.97 39.24
SE MSE A 62 -3.70 -2.69 40.14
CE MSE A 62 -2.09 -3.72 39.56
N GLN A 63 -0.15 2.08 39.88
CA GLN A 63 1.20 2.42 40.33
C GLN A 63 1.42 1.83 41.71
N PRO A 64 2.66 1.36 42.00
CA PRO A 64 3.86 1.49 41.17
C PRO A 64 4.14 0.35 40.17
N GLU A 65 3.40 -0.77 40.27
CA GLU A 65 3.56 -1.88 39.31
C GLU A 65 2.24 -2.11 38.54
N SER A 66 2.34 -2.25 37.21
CA SER A 66 1.14 -2.36 36.31
C SER A 66 0.37 -3.68 36.48
N GLY A 67 -0.89 -3.71 36.03
CA GLY A 67 -1.63 -4.97 35.98
C GLY A 67 -0.96 -5.97 35.06
N LEU A 68 -0.39 -5.49 33.96
CA LEU A 68 0.35 -6.38 33.00
C LEU A 68 1.53 -7.11 33.67
N ASP A 69 2.36 -6.35 34.38
CA ASP A 69 3.47 -6.92 35.15
C ASP A 69 2.96 -7.86 36.19
N LEU A 70 1.89 -7.46 36.89
CA LEU A 70 1.29 -8.39 37.87
C LEU A 70 0.96 -9.74 37.23
N ILE A 71 0.27 -9.73 36.09
CA ILE A 71 -0.21 -10.98 35.49
C ILE A 71 1.01 -11.85 35.06
N ARG A 72 2.04 -11.21 34.51
CA ARG A 72 3.26 -11.93 34.15
C ARG A 72 3.89 -12.67 35.34
N THR A 73 4.06 -11.97 36.47
CA THR A 73 4.61 -12.64 37.69
C THR A 73 3.74 -13.83 38.09
N ILE A 74 2.42 -13.67 38.03
CA ILE A 74 1.52 -14.83 38.29
C ILE A 74 1.71 -16.01 37.31
N ARG A 75 1.79 -15.72 36.02
CA ARG A 75 2.00 -16.81 35.04
C ARG A 75 3.39 -17.48 35.20
N ALA A 76 4.35 -16.75 35.80
CA ALA A 76 5.69 -17.29 36.12
C ALA A 76 5.76 -18.04 37.47
N SER A 77 4.62 -18.31 38.11
CA SER A 77 4.62 -18.76 39.49
C SER A 77 3.83 -20.04 39.65
N GLU A 78 3.75 -20.54 40.88
CA GLU A 78 3.00 -21.76 41.18
C GLU A 78 1.50 -21.59 41.05
N ARG A 79 1.05 -20.34 40.99
CA ARG A 79 -0.35 -20.04 40.72
C ARG A 79 -0.55 -19.60 39.28
N ALA A 80 0.18 -20.22 38.35
CA ALA A 80 0.07 -19.88 36.91
C ALA A 80 -1.31 -20.13 36.33
N ALA A 81 -2.01 -21.16 36.81
CA ALA A 81 -3.33 -21.51 36.29
C ALA A 81 -4.52 -20.59 36.79
N LEU A 82 -4.24 -19.57 37.60
CA LEU A 82 -5.27 -18.72 38.24
C LEU A 82 -6.19 -18.11 37.18
N SER A 83 -7.51 -18.16 37.39
CA SER A 83 -8.41 -17.48 36.47
C SER A 83 -8.30 -15.99 36.72
N ILE A 84 -8.11 -15.25 35.63
CA ILE A 84 -7.94 -13.80 35.73
C ILE A 84 -8.84 -13.03 34.76
N ILE A 85 -9.60 -12.08 35.28
CA ILE A 85 -10.37 -11.18 34.42
C ILE A 85 -9.80 -9.77 34.54
N VAL A 86 -9.55 -9.13 33.40
CA VAL A 86 -9.08 -7.78 33.37
C VAL A 86 -10.27 -6.81 33.16
N VAL A 87 -10.37 -5.80 34.01
CA VAL A 87 -11.34 -4.73 33.82
C VAL A 87 -10.60 -3.39 33.85
N SER A 88 -10.54 -2.71 32.72
CA SER A 88 -9.61 -1.63 32.58
C SER A 88 -10.33 -0.39 32.10
N GLY A 89 -9.92 0.78 32.60
CA GLY A 89 -10.54 2.02 32.10
C GLY A 89 -9.69 2.74 31.05
N ASP A 90 -8.50 2.22 30.81
CA ASP A 90 -7.53 3.09 30.18
C ASP A 90 -6.39 2.30 29.53
N THR A 91 -6.58 1.92 28.25
CA THR A 91 -5.61 1.02 27.59
C THR A 91 -5.48 1.32 26.10
N ASP A 92 -4.83 0.37 25.42
CA ASP A 92 -4.70 0.42 23.96
C ASP A 92 -4.63 -0.98 23.34
N VAL A 93 -4.77 -1.05 22.02
CA VAL A 93 -4.86 -2.33 21.30
C VAL A 93 -3.59 -3.13 21.61
N GLU A 94 -2.44 -2.46 21.59
CA GLU A 94 -1.19 -3.23 21.79
C GLU A 94 -1.06 -3.84 23.20
N GLU A 95 -1.47 -3.13 24.22
CA GLU A 95 -1.45 -3.69 25.56
C GLU A 95 -2.50 -4.79 25.73
N ALA A 96 -3.67 -4.60 25.14
CA ALA A 96 -4.75 -5.61 25.17
C ALA A 96 -4.24 -6.93 24.54
N VAL A 97 -3.54 -6.80 23.42
CA VAL A 97 -2.90 -7.99 22.82
C VAL A 97 -1.85 -8.63 23.74
N ASP A 98 -0.94 -7.82 24.31
CA ASP A 98 0.03 -8.37 25.28
C ASP A 98 -0.68 -9.13 26.40
N VAL A 99 -1.75 -8.56 26.89
CA VAL A 99 -2.45 -9.20 28.00
C VAL A 99 -3.18 -10.50 27.58
N MSE A 100 -3.77 -10.50 26.38
CA MSE A 100 -4.51 -11.69 25.91
C MSE A 100 -3.52 -12.84 25.62
O MSE A 100 -3.86 -14.03 25.73
CB MSE A 100 -5.31 -11.37 24.64
CG MSE A 100 -6.56 -10.46 24.86
SE MSE A 100 -7.88 -11.32 26.01
CE MSE A 100 -8.64 -12.68 24.78
N HIS A 101 -2.32 -12.47 25.24
CA HIS A 101 -1.28 -13.47 25.08
C HIS A 101 -1.02 -14.23 26.40
N LEU A 102 -1.28 -13.58 27.52
CA LEU A 102 -1.13 -14.19 28.85
C LEU A 102 -2.29 -15.07 29.30
N GLY A 103 -3.29 -15.29 28.45
CA GLY A 103 -4.41 -16.24 28.73
C GLY A 103 -5.48 -15.82 29.76
N VAL A 104 -5.76 -14.53 29.86
CA VAL A 104 -6.83 -14.07 30.74
C VAL A 104 -8.19 -14.60 30.25
N VAL A 105 -9.09 -14.83 31.19
CA VAL A 105 -10.45 -15.27 30.92
C VAL A 105 -11.14 -14.27 29.97
N ASP A 106 -10.99 -12.98 30.25
CA ASP A 106 -11.58 -11.93 29.41
C ASP A 106 -10.95 -10.63 29.79
N PHE A 107 -11.23 -9.64 28.96
CA PHE A 107 -10.64 -8.33 29.01
C PHE A 107 -11.83 -7.37 28.78
N LEU A 108 -12.33 -6.77 29.85
CA LEU A 108 -13.51 -5.90 29.78
C LEU A 108 -13.11 -4.45 29.94
N LEU A 109 -13.67 -3.56 29.11
CA LEU A 109 -13.51 -2.14 29.30
C LEU A 109 -14.54 -1.53 30.26
N LYS A 110 -14.14 -0.45 30.94
CA LYS A 110 -15.03 0.29 31.85
C LYS A 110 -15.76 1.34 31.03
N PRO A 111 -17.02 1.66 31.38
CA PRO A 111 -17.90 1.15 32.45
C PRO A 111 -18.18 -0.33 32.22
N VAL A 112 -17.96 -1.13 33.24
CA VAL A 112 -18.00 -2.55 33.04
C VAL A 112 -19.45 -2.99 32.93
N ASP A 113 -19.68 -3.87 31.96
CA ASP A 113 -20.91 -4.59 31.85
C ASP A 113 -20.97 -5.64 32.98
N LEU A 114 -21.82 -5.37 33.98
CA LEU A 114 -21.87 -6.19 35.20
C LEU A 114 -22.50 -7.52 34.95
N GLY A 115 -23.50 -7.56 34.08
CA GLY A 115 -24.11 -8.83 33.66
C GLY A 115 -23.07 -9.79 33.05
N LYS A 116 -22.30 -9.33 32.06
CA LYS A 116 -21.19 -10.11 31.47
C LYS A 116 -20.15 -10.52 32.55
N LEU A 117 -19.69 -9.57 33.36
CA LEU A 117 -18.75 -9.90 34.43
C LEU A 117 -19.25 -11.01 35.35
N LEU A 118 -20.47 -10.89 35.88
CA LEU A 118 -20.98 -11.87 36.83
C LEU A 118 -21.09 -13.21 36.19
N GLU A 119 -21.49 -13.20 34.93
CA GLU A 119 -21.52 -14.43 34.16
C GLU A 119 -20.14 -15.12 34.12
N LEU A 120 -19.11 -14.35 33.76
CA LEU A 120 -17.73 -14.85 33.71
C LEU A 120 -17.29 -15.41 35.09
N VAL A 121 -17.63 -14.66 36.12
CA VAL A 121 -17.27 -14.97 37.47
C VAL A 121 -17.96 -16.29 37.90
N ASN A 122 -19.27 -16.39 37.75
CA ASN A 122 -20.01 -17.61 38.12
C ASN A 122 -19.45 -18.86 37.42
N LYS A 123 -19.23 -18.76 36.11
CA LYS A 123 -18.70 -19.84 35.31
C LYS A 123 -17.30 -20.26 35.79
N GLU A 124 -16.40 -19.29 35.99
CA GLU A 124 -15.03 -19.58 36.46
C GLU A 124 -14.97 -20.17 37.86
N LEU A 125 -15.82 -19.71 38.76
CA LEU A 125 -15.88 -20.31 40.10
C LEU A 125 -16.62 -21.67 40.09
N LYS A 126 -17.47 -21.90 39.08
CA LYS A 126 -18.28 -23.15 38.91
C LYS A 126 -19.42 -23.28 39.95
N SER B 2 27.12 15.28 -4.57
CA SER B 2 28.29 15.23 -3.66
C SER B 2 28.92 13.83 -3.76
N LEU B 3 30.03 13.61 -3.06
CA LEU B 3 30.81 12.40 -3.29
C LEU B 3 30.12 11.08 -2.94
N VAL B 4 29.49 11.02 -1.76
CA VAL B 4 28.59 9.90 -1.40
C VAL B 4 27.11 10.38 -1.32
N ALA B 5 26.22 9.69 -2.02
CA ALA B 5 24.78 10.04 -2.01
C ALA B 5 24.16 9.97 -0.60
N ALA B 6 23.28 10.91 -0.30
CA ALA B 6 22.47 10.83 0.93
C ALA B 6 21.60 9.60 0.78
N ARG B 7 21.16 9.02 1.89
CA ARG B 7 20.29 7.84 1.78
C ARG B 7 19.02 8.21 0.93
N PRO B 8 18.61 7.34 -0.02
CA PRO B 8 17.44 7.67 -0.84
C PRO B 8 16.16 7.85 0.01
N LEU B 9 15.37 8.86 -0.35
CA LEU B 9 14.01 9.06 0.15
C LEU B 9 13.01 9.32 -1.01
N VAL B 10 11.90 8.53 -1.05
CA VAL B 10 10.84 8.67 -2.09
C VAL B 10 9.64 9.34 -1.47
N LEU B 11 9.09 10.38 -2.10
CA LEU B 11 7.83 10.96 -1.63
C LEU B 11 6.67 10.35 -2.45
N VAL B 12 5.72 9.74 -1.78
CA VAL B 12 4.56 9.16 -2.48
C VAL B 12 3.36 10.09 -2.28
N VAL B 13 2.80 10.60 -3.36
CA VAL B 13 1.70 11.55 -3.25
C VAL B 13 0.41 10.88 -3.77
N ASP B 14 -0.60 10.80 -2.91
CA ASP B 14 -1.90 10.25 -3.28
C ASP B 14 -2.93 10.66 -2.26
N ASP B 15 -4.14 11.03 -2.70
CA ASP B 15 -5.17 11.35 -1.71
C ASP B 15 -5.85 10.09 -1.17
N ASN B 16 -5.58 8.95 -1.81
CA ASN B 16 -6.03 7.65 -1.29
C ASN B 16 -5.03 7.11 -0.28
N ALA B 17 -5.37 7.20 1.03
CA ALA B 17 -4.48 6.82 2.12
C ALA B 17 -4.08 5.34 2.08
N VAL B 18 -5.02 4.47 1.67
CA VAL B 18 -4.79 3.05 1.56
C VAL B 18 -3.72 2.78 0.55
N ASN B 19 -3.86 3.32 -0.66
CA ASN B 19 -2.85 3.15 -1.68
C ASN B 19 -1.53 3.78 -1.30
N ARG B 20 -1.59 4.99 -0.81
CA ARG B 20 -0.39 5.69 -0.37
C ARG B 20 0.41 4.83 0.58
N GLU B 21 -0.24 4.36 1.66
CA GLU B 21 0.43 3.49 2.61
C GLU B 21 0.92 2.15 2.05
N ALA B 22 0.18 1.56 1.10
CA ALA B 22 0.57 0.28 0.41
C ALA B 22 1.87 0.43 -0.35
N LEU B 23 1.99 1.52 -1.08
CA LEU B 23 3.20 1.82 -1.85
C LEU B 23 4.36 2.15 -0.93
N ILE B 24 4.09 2.90 0.13
CA ILE B 24 5.19 3.16 1.10
C ILE B 24 5.74 1.83 1.68
N LEU B 25 4.82 0.93 2.05
CA LEU B 25 5.20 -0.39 2.55
C LEU B 25 6.01 -1.18 1.50
N TYR B 26 5.57 -1.16 0.25
CA TYR B 26 6.25 -1.88 -0.81
C TYR B 26 7.66 -1.33 -0.95
N LEU B 27 7.80 0.00 -1.04
CA LEU B 27 9.14 0.63 -1.12
C LEU B 27 10.03 0.28 0.05
N LYS B 28 9.49 0.43 1.26
CA LYS B 28 10.20 0.00 2.48
C LYS B 28 10.55 -1.51 2.52
N SER B 29 9.63 -2.38 2.11
CA SER B 29 9.92 -3.84 2.08
C SER B 29 11.10 -4.16 1.15
N ARG B 30 11.40 -3.24 0.22
CA ARG B 30 12.51 -3.40 -0.76
C ARG B 30 13.71 -2.57 -0.37
N GLY B 31 13.76 -2.13 0.89
CA GLY B 31 14.84 -1.31 1.43
C GLY B 31 14.92 0.15 1.03
N ILE B 32 13.82 0.70 0.50
CA ILE B 32 13.78 2.11 0.09
C ILE B 32 12.87 2.91 1.03
N ASP B 33 13.46 3.93 1.68
CA ASP B 33 12.74 4.83 2.56
C ASP B 33 11.69 5.63 1.77
N ALA B 34 10.51 5.83 2.35
CA ALA B 34 9.46 6.56 1.65
C ALA B 34 8.61 7.33 2.59
N VAL B 35 8.08 8.47 2.15
CA VAL B 35 7.16 9.23 3.00
C VAL B 35 5.98 9.59 2.13
N GLY B 36 4.86 9.96 2.76
CA GLY B 36 3.63 10.18 2.00
C GLY B 36 3.09 11.57 2.17
N ALA B 37 2.49 12.08 1.11
CA ALA B 37 1.77 13.39 1.12
C ALA B 37 0.37 13.11 0.57
N ASP B 38 -0.64 13.78 1.13
CA ASP B 38 -2.02 13.48 0.76
C ASP B 38 -2.59 14.33 -0.34
N GLY B 39 -1.73 15.09 -1.00
CA GLY B 39 -2.18 15.94 -2.11
C GLY B 39 -1.10 16.93 -2.50
N ALA B 40 -1.39 17.82 -3.45
CA ALA B 40 -0.37 18.72 -3.98
C ALA B 40 0.23 19.69 -2.90
N GLU B 41 -0.61 20.26 -2.05
CA GLU B 41 -0.12 21.16 -0.96
C GLU B 41 0.83 20.44 0.00
N GLU B 42 0.45 19.28 0.54
CA GLU B 42 1.36 18.55 1.39
C GLU B 42 2.60 18.11 0.63
N ALA B 43 2.47 17.79 -0.66
CA ALA B 43 3.65 17.45 -1.48
C ALA B 43 4.63 18.62 -1.50
N ARG B 44 4.15 19.84 -1.77
CA ARG B 44 5.02 21.02 -1.88
C ARG B 44 5.72 21.31 -0.50
N LEU B 45 4.98 21.15 0.59
CA LEU B 45 5.58 21.22 1.93
C LEU B 45 6.74 20.26 2.14
N TYR B 46 6.50 18.97 1.88
CA TYR B 46 7.51 17.95 2.05
C TYR B 46 8.77 18.33 1.24
N LEU B 47 8.54 18.72 -0.01
CA LEU B 47 9.64 19.07 -0.90
C LEU B 47 10.47 20.25 -0.35
N HIS B 48 9.77 21.24 0.19
CA HIS B 48 10.41 22.43 0.75
C HIS B 48 11.25 22.13 2.01
N TYR B 49 10.71 21.34 2.95
CA TYR B 49 11.31 21.16 4.26
C TYR B 49 12.14 19.89 4.41
N GLN B 50 12.10 19.01 3.40
CA GLN B 50 12.87 17.78 3.45
C GLN B 50 13.62 17.56 2.14
N LYS B 51 14.85 18.08 2.12
CA LYS B 51 15.72 18.12 0.95
C LYS B 51 16.23 16.76 0.53
N ARG B 52 16.14 15.80 1.44
CA ARG B 52 16.54 14.43 1.16
C ARG B 52 15.67 13.71 0.09
N ILE B 53 14.42 14.16 -0.09
CA ILE B 53 13.56 13.57 -1.14
C ILE B 53 14.27 13.63 -2.51
N GLY B 54 14.57 12.48 -3.11
CA GLY B 54 15.18 12.50 -4.45
C GLY B 54 14.27 12.05 -5.57
N LEU B 55 13.06 11.61 -5.21
CA LEU B 55 12.11 11.13 -6.24
C LEU B 55 10.69 11.28 -5.71
N MSE B 56 9.76 11.65 -6.58
CA MSE B 56 8.37 11.68 -6.17
C MSE B 56 7.53 10.78 -7.10
O MSE B 56 7.67 10.86 -8.32
CB MSE B 56 7.87 13.10 -6.27
CG MSE B 56 6.51 13.32 -5.68
SE MSE B 56 5.88 15.15 -6.04
CE MSE B 56 5.42 15.01 -7.95
N ILE B 57 6.66 10.00 -6.49
CA ILE B 57 5.64 9.23 -7.20
C ILE B 57 4.30 9.89 -6.94
N THR B 58 3.57 10.20 -8.00
CA THR B 58 2.27 10.84 -7.86
C THR B 58 1.15 10.27 -8.73
N ASP B 59 -0.06 10.28 -8.19
CA ASP B 59 -1.30 10.09 -9.01
C ASP B 59 -1.60 11.43 -9.70
N LEU B 60 -2.41 11.39 -10.76
CA LEU B 60 -2.89 12.57 -11.45
C LEU B 60 -4.26 12.96 -10.90
N ARG B 61 -5.02 11.96 -10.51
CA ARG B 61 -6.40 12.08 -10.06
C ARG B 61 -6.45 12.37 -8.54
N MSE B 62 -6.42 13.64 -8.18
CA MSE B 62 -6.41 14.02 -6.77
C MSE B 62 -7.24 15.26 -6.56
O MSE B 62 -7.32 16.09 -7.44
CB MSE B 62 -5.00 14.26 -6.26
CG MSE B 62 -4.09 13.01 -6.37
SE MSE B 62 -2.30 13.36 -5.53
CE MSE B 62 -1.75 14.92 -6.61
N GLN B 63 -7.85 15.33 -5.37
CA GLN B 63 -8.63 16.48 -4.94
C GLN B 63 -8.00 17.02 -3.67
N PRO B 64 -7.89 18.35 -3.52
CA PRO B 64 -8.39 19.43 -4.41
C PRO B 64 -7.55 19.89 -5.60
N GLU B 65 -6.28 19.53 -5.66
CA GLU B 65 -5.44 19.92 -6.79
C GLU B 65 -4.85 18.65 -7.46
N SER B 66 -4.88 18.63 -8.79
CA SER B 66 -4.56 17.43 -9.57
C SER B 66 -3.04 17.21 -9.61
N GLY B 67 -2.63 15.99 -10.01
CA GLY B 67 -1.20 15.70 -10.19
C GLY B 67 -0.58 16.52 -11.29
N LEU B 68 -1.36 16.81 -12.33
CA LEU B 68 -0.78 17.63 -13.41
C LEU B 68 -0.43 19.06 -12.90
N ASP B 69 -1.33 19.68 -12.15
CA ASP B 69 -1.06 21.02 -11.60
C ASP B 69 0.13 20.96 -10.64
N LEU B 70 0.23 19.92 -9.82
CA LEU B 70 1.35 19.79 -8.89
C LEU B 70 2.67 19.74 -9.66
N ILE B 71 2.73 18.90 -10.68
CA ILE B 71 3.92 18.81 -11.51
C ILE B 71 4.30 20.16 -12.15
N ARG B 72 3.33 20.86 -12.68
CA ARG B 72 3.57 22.19 -13.25
C ARG B 72 4.19 23.14 -12.22
N THR B 73 3.67 23.18 -11.01
CA THR B 73 4.29 24.08 -10.02
C THR B 73 5.70 23.64 -9.64
N ILE B 74 5.93 22.31 -9.60
CA ILE B 74 7.29 21.82 -9.33
C ILE B 74 8.28 22.29 -10.42
N ARG B 75 7.89 22.17 -11.68
CA ARG B 75 8.78 22.50 -12.77
C ARG B 75 9.05 23.99 -12.87
N ALA B 76 8.20 24.80 -12.22
CA ALA B 76 8.37 26.25 -12.18
C ALA B 76 9.12 26.70 -10.90
N SER B 77 9.50 25.75 -10.03
CA SER B 77 10.09 26.04 -8.71
C SER B 77 11.60 25.74 -8.67
N GLU B 78 12.20 25.92 -7.50
CA GLU B 78 13.60 25.57 -7.29
C GLU B 78 13.84 24.07 -7.41
N ARG B 79 12.76 23.29 -7.29
CA ARG B 79 12.86 21.84 -7.42
C ARG B 79 12.43 21.37 -8.80
N ALA B 80 12.74 22.16 -9.82
CA ALA B 80 12.37 21.81 -11.20
C ALA B 80 13.05 20.59 -11.75
N ALA B 81 14.19 20.19 -11.18
CA ALA B 81 14.92 19.02 -11.67
C ALA B 81 14.44 17.73 -11.00
N LEU B 82 13.49 17.82 -10.08
CA LEU B 82 13.00 16.65 -9.33
C LEU B 82 12.53 15.51 -10.27
N SER B 83 13.10 14.33 -10.05
CA SER B 83 12.63 13.12 -10.71
C SER B 83 11.19 12.77 -10.30
N ILE B 84 10.33 12.58 -11.29
CA ILE B 84 8.92 12.30 -11.02
C ILE B 84 8.49 11.12 -11.87
N ILE B 85 7.84 10.16 -11.21
CA ILE B 85 7.20 9.02 -11.85
C ILE B 85 5.66 9.19 -11.57
N VAL B 86 4.88 9.20 -12.64
CA VAL B 86 3.41 9.28 -12.54
C VAL B 86 2.86 7.86 -12.51
N VAL B 87 2.06 7.58 -11.49
CA VAL B 87 1.22 6.36 -11.44
C VAL B 87 -0.25 6.75 -11.41
N SER B 88 -0.94 6.63 -12.56
CA SER B 88 -2.25 7.26 -12.71
C SER B 88 -3.48 6.37 -12.74
N GLY B 89 -4.54 6.84 -12.07
CA GLY B 89 -5.90 6.37 -12.32
C GLY B 89 -6.39 6.83 -13.70
N ASP B 90 -7.71 6.89 -13.88
CA ASP B 90 -8.31 7.31 -15.18
C ASP B 90 -7.70 8.60 -15.73
N THR B 91 -7.24 8.54 -16.97
CA THR B 91 -6.60 9.68 -17.61
C THR B 91 -6.93 9.55 -19.10
N ASP B 92 -6.19 10.21 -19.98
CA ASP B 92 -6.51 10.13 -21.41
C ASP B 92 -5.28 10.61 -22.11
N VAL B 93 -5.29 10.50 -23.44
CA VAL B 93 -4.14 10.76 -24.23
C VAL B 93 -3.68 12.19 -24.11
N GLU B 94 -4.58 13.16 -24.17
CA GLU B 94 -4.15 14.59 -24.11
C GLU B 94 -3.43 14.89 -22.82
N GLU B 95 -4.00 14.43 -21.71
CA GLU B 95 -3.37 14.64 -20.43
C GLU B 95 -1.97 13.93 -20.36
N ALA B 96 -1.90 12.69 -20.86
CA ALA B 96 -0.61 11.96 -20.85
C ALA B 96 0.46 12.70 -21.64
N VAL B 97 0.05 13.29 -22.77
CA VAL B 97 0.99 14.03 -23.57
C VAL B 97 1.43 15.32 -22.83
N ASP B 98 0.47 16.06 -22.22
CA ASP B 98 0.80 17.21 -21.37
C ASP B 98 1.79 16.83 -20.27
N VAL B 99 1.52 15.77 -19.54
CA VAL B 99 2.44 15.29 -18.50
C VAL B 99 3.83 14.93 -19.06
N MSE B 100 3.83 14.23 -20.18
CA MSE B 100 5.12 13.86 -20.79
C MSE B 100 5.94 15.11 -21.25
O MSE B 100 7.16 15.10 -21.14
CB MSE B 100 4.94 12.80 -21.90
CG MSE B 100 4.40 11.42 -21.40
SE MSE B 100 5.84 10.52 -20.36
CE MSE B 100 6.96 10.04 -21.93
N HIS B 101 5.29 16.15 -21.73
CA HIS B 101 6.01 17.40 -22.04
C HIS B 101 6.63 18.04 -20.82
N LEU B 102 6.05 17.77 -19.64
CA LEU B 102 6.64 18.19 -18.36
C LEU B 102 7.85 17.36 -17.90
N GLY B 103 8.24 16.33 -18.65
CA GLY B 103 9.53 15.70 -18.38
C GLY B 103 9.53 14.60 -17.33
N VAL B 104 8.40 13.95 -17.07
CA VAL B 104 8.40 12.92 -16.03
C VAL B 104 9.34 11.77 -16.39
N VAL B 105 9.84 11.03 -15.41
CA VAL B 105 10.66 9.81 -15.67
C VAL B 105 9.83 8.75 -16.43
N ASP B 106 8.62 8.49 -15.96
CA ASP B 106 7.72 7.61 -16.73
C ASP B 106 6.30 7.87 -16.28
N PHE B 107 5.34 7.25 -16.99
CA PHE B 107 3.92 7.48 -16.78
C PHE B 107 3.35 6.07 -16.81
N LEU B 108 2.95 5.56 -15.65
CA LEU B 108 2.41 4.22 -15.54
C LEU B 108 0.93 4.26 -15.26
N LEU B 109 0.19 3.29 -15.76
CA LEU B 109 -1.24 3.20 -15.43
C LEU B 109 -1.49 2.21 -14.29
N LYS B 110 -2.43 2.55 -13.43
CA LYS B 110 -2.91 1.63 -12.39
C LYS B 110 -3.77 0.54 -13.11
N PRO B 111 -3.84 -0.70 -12.57
CA PRO B 111 -3.08 -1.26 -11.43
C PRO B 111 -1.59 -1.33 -11.77
N VAL B 112 -0.78 -0.76 -10.87
CA VAL B 112 0.60 -0.52 -11.20
C VAL B 112 1.33 -1.84 -11.33
N ASP B 113 2.23 -1.87 -12.31
CA ASP B 113 3.20 -2.95 -12.44
C ASP B 113 4.40 -2.66 -11.54
N LEU B 114 4.37 -3.31 -10.37
CA LEU B 114 5.31 -3.07 -9.29
C LEU B 114 6.78 -3.39 -9.66
N GLY B 115 6.97 -4.50 -10.40
CA GLY B 115 8.29 -4.85 -10.83
C GLY B 115 8.84 -3.76 -11.72
N LYS B 116 8.05 -3.30 -12.69
CA LYS B 116 8.50 -2.18 -13.53
C LYS B 116 8.74 -0.89 -12.72
N LEU B 117 7.80 -0.60 -11.81
CA LEU B 117 7.99 0.57 -10.91
C LEU B 117 9.33 0.52 -10.16
N LEU B 118 9.63 -0.60 -9.54
CA LEU B 118 10.86 -0.74 -8.79
C LEU B 118 12.11 -0.56 -9.69
N GLU B 119 12.07 -1.09 -10.91
CA GLU B 119 13.17 -0.89 -11.88
C GLU B 119 13.41 0.59 -12.14
N LEU B 120 12.33 1.34 -12.41
CA LEU B 120 12.43 2.80 -12.58
C LEU B 120 12.97 3.50 -11.34
N VAL B 121 12.48 3.13 -10.15
CA VAL B 121 12.96 3.74 -8.89
C VAL B 121 14.46 3.48 -8.61
N ASN B 122 14.85 2.21 -8.67
CA ASN B 122 16.25 1.79 -8.53
C ASN B 122 17.18 2.52 -9.49
N LYS B 123 16.76 2.62 -10.76
CA LYS B 123 17.52 3.32 -11.78
C LYS B 123 17.67 4.82 -11.49
N GLU B 124 16.56 5.48 -11.15
CA GLU B 124 16.62 6.90 -10.80
C GLU B 124 17.43 7.18 -9.56
N LEU B 125 17.30 6.31 -8.57
CA LEU B 125 17.99 6.48 -7.30
C LEU B 125 19.42 5.88 -7.28
N LYS B 126 19.84 5.35 -8.43
CA LYS B 126 21.09 4.59 -8.59
C LYS B 126 21.32 3.53 -7.51
N ILE B 127 20.35 2.62 -7.34
CA ILE B 127 20.51 1.50 -6.39
C ILE B 127 20.58 0.17 -7.17
N VAL C 4 9.26 -37.51 5.63
CA VAL C 4 10.73 -37.21 5.82
C VAL C 4 11.24 -35.91 5.17
N ALA C 5 10.50 -35.36 4.19
CA ALA C 5 10.64 -33.94 3.73
C ALA C 5 9.25 -33.28 3.37
N ALA C 6 9.09 -31.94 3.56
CA ALA C 6 7.91 -31.13 3.00
C ALA C 6 8.25 -29.64 2.63
N ARG C 7 7.24 -28.71 2.41
CA ARG C 7 7.44 -27.25 1.94
C ARG C 7 6.35 -26.05 2.16
N PRO C 8 6.66 -25.04 3.02
CA PRO C 8 5.60 -24.12 3.57
C PRO C 8 4.91 -23.13 2.58
N LEU C 9 3.60 -22.96 2.71
CA LEU C 9 2.86 -21.96 1.95
C LEU C 9 1.99 -21.02 2.84
N VAL C 10 2.12 -19.71 2.62
CA VAL C 10 1.41 -18.67 3.39
C VAL C 10 0.35 -18.01 2.49
N LEU C 11 -0.88 -17.91 3.00
CA LEU C 11 -1.96 -17.20 2.37
C LEU C 11 -2.02 -15.75 2.97
N VAL C 12 -1.92 -14.74 2.12
CA VAL C 12 -1.88 -13.34 2.52
C VAL C 12 -3.22 -12.72 2.08
N VAL C 13 -4.05 -12.31 3.07
CA VAL C 13 -5.39 -11.80 2.78
C VAL C 13 -5.48 -10.26 3.08
N ASP C 14 -5.87 -9.50 2.06
CA ASP C 14 -5.99 -8.05 2.21
C ASP C 14 -6.90 -7.47 1.13
N ASP C 15 -7.38 -6.26 1.36
CA ASP C 15 -8.26 -5.59 0.41
C ASP C 15 -7.49 -4.64 -0.50
N ASN C 16 -6.19 -4.84 -0.59
CA ASN C 16 -5.34 -4.01 -1.40
C ASN C 16 -4.20 -4.78 -2.04
N ALA C 17 -4.16 -4.76 -3.36
CA ALA C 17 -3.26 -5.60 -4.16
C ALA C 17 -1.80 -5.29 -3.92
N VAL C 18 -1.48 -4.01 -3.78
CA VAL C 18 -0.09 -3.66 -3.47
C VAL C 18 0.34 -4.20 -2.09
N ASN C 19 -0.52 -4.08 -1.08
CA ASN C 19 -0.18 -4.61 0.24
C ASN C 19 0.10 -6.11 0.15
N ARG C 20 -0.77 -6.83 -0.57
CA ARG C 20 -0.63 -8.30 -0.68
C ARG C 20 0.68 -8.58 -1.35
N GLU C 21 0.94 -7.88 -2.47
CA GLU C 21 2.18 -8.11 -3.23
C GLU C 21 3.47 -7.82 -2.45
N ALA C 22 3.45 -6.73 -1.69
CA ALA C 22 4.56 -6.39 -0.81
C ALA C 22 4.92 -7.55 0.09
N LEU C 23 3.91 -8.10 0.76
CA LEU C 23 4.14 -9.21 1.65
C LEU C 23 4.53 -10.50 0.94
N ILE C 24 3.84 -10.84 -0.16
CA ILE C 24 4.16 -12.03 -0.97
C ILE C 24 5.62 -11.98 -1.44
N LEU C 25 6.03 -10.89 -2.07
CA LEU C 25 7.42 -10.72 -2.48
C LEU C 25 8.41 -10.82 -1.30
N TYR C 26 8.08 -10.22 -0.16
CA TYR C 26 8.96 -10.26 0.97
C TYR C 26 9.17 -11.69 1.46
N LEU C 27 8.10 -12.45 1.49
CA LEU C 27 8.20 -13.81 1.96
C LEU C 27 9.00 -14.65 0.95
N LYS C 28 8.68 -14.47 -0.33
CA LYS C 28 9.23 -15.27 -1.41
C LYS C 28 10.71 -15.01 -1.51
N SER C 29 11.11 -13.75 -1.42
CA SER C 29 12.52 -13.43 -1.48
C SER C 29 13.28 -13.99 -0.28
N ARG C 30 12.56 -14.60 0.67
CA ARG C 30 13.16 -15.24 1.86
C ARG C 30 12.84 -16.73 1.91
N GLY C 31 12.52 -17.29 0.75
CA GLY C 31 12.35 -18.74 0.60
C GLY C 31 11.04 -19.31 1.12
N ILE C 32 10.07 -18.43 1.36
CA ILE C 32 8.71 -18.84 1.80
C ILE C 32 7.67 -18.57 0.71
N ASP C 33 7.05 -19.63 0.19
CA ASP C 33 5.98 -19.52 -0.78
C ASP C 33 4.77 -18.76 -0.19
N ALA C 34 4.18 -17.88 -1.00
CA ALA C 34 2.95 -17.22 -0.61
C ALA C 34 2.04 -16.97 -1.78
N VAL C 35 0.72 -17.03 -1.52
CA VAL C 35 -0.31 -16.61 -2.46
C VAL C 35 -1.20 -15.54 -1.79
N GLY C 36 -1.96 -14.80 -2.61
CA GLY C 36 -2.81 -13.73 -2.13
C GLY C 36 -4.27 -13.94 -2.36
N ALA C 37 -5.10 -13.46 -1.44
CA ALA C 37 -6.56 -13.52 -1.59
C ALA C 37 -7.12 -12.12 -1.33
N ASP C 38 -8.05 -11.67 -2.16
CA ASP C 38 -8.51 -10.29 -2.02
C ASP C 38 -9.66 -10.05 -1.04
N GLY C 39 -9.95 -10.97 -0.15
CA GLY C 39 -11.11 -10.83 0.73
C GLY C 39 -11.45 -12.19 1.29
N ALA C 40 -12.44 -12.24 2.17
CA ALA C 40 -12.86 -13.44 2.87
C ALA C 40 -13.32 -14.60 1.91
N GLU C 41 -14.08 -14.30 0.87
CA GLU C 41 -14.51 -15.34 -0.05
C GLU C 41 -13.37 -15.98 -0.77
N GLU C 42 -12.49 -15.19 -1.33
CA GLU C 42 -11.29 -15.78 -1.94
C GLU C 42 -10.30 -16.49 -0.98
N ALA C 43 -10.16 -15.99 0.25
CA ALA C 43 -9.40 -16.70 1.28
C ALA C 43 -9.84 -18.16 1.49
N ARG C 44 -11.15 -18.31 1.60
CA ARG C 44 -11.81 -19.57 1.80
C ARG C 44 -11.64 -20.50 0.58
N LEU C 45 -11.67 -19.90 -0.61
CA LEU C 45 -11.47 -20.66 -1.84
C LEU C 45 -10.10 -21.23 -1.83
N TYR C 46 -9.06 -20.40 -1.59
CA TYR C 46 -7.71 -20.90 -1.48
C TYR C 46 -7.52 -21.97 -0.42
N LEU C 47 -8.20 -21.81 0.72
CA LEU C 47 -8.04 -22.75 1.80
C LEU C 47 -8.67 -24.11 1.39
N HIS C 48 -9.79 -24.05 0.68
CA HIS C 48 -10.47 -25.23 0.17
C HIS C 48 -9.58 -26.00 -0.81
N TYR C 49 -9.04 -25.29 -1.81
CA TYR C 49 -8.34 -25.93 -2.94
C TYR C 49 -6.88 -26.15 -2.72
N GLN C 50 -6.28 -25.50 -1.74
CA GLN C 50 -4.84 -25.62 -1.57
C GLN C 50 -4.51 -26.02 -0.17
N LYS C 51 -4.38 -27.31 0.09
CA LYS C 51 -3.61 -27.52 1.27
C LYS C 51 -2.17 -27.41 0.91
N ARG C 52 -1.36 -27.48 1.92
CA ARG C 52 -0.02 -26.98 1.83
C ARG C 52 -0.07 -25.62 2.52
N ILE C 53 -1.17 -24.88 2.34
CA ILE C 53 -1.39 -23.65 3.15
C ILE C 53 -1.27 -23.98 4.63
N GLY C 54 -0.18 -23.56 5.26
CA GLY C 54 0.05 -23.80 6.66
C GLY C 54 -0.15 -22.60 7.60
N LEU C 55 -0.32 -21.42 6.98
CA LEU C 55 -0.49 -20.17 7.73
C LEU C 55 -1.21 -19.07 6.93
N MSE C 56 -2.04 -18.29 7.60
CA MSE C 56 -2.73 -17.20 6.95
C MSE C 56 -2.45 -15.87 7.67
O MSE C 56 -2.56 -15.79 8.89
CB MSE C 56 -4.23 -17.46 6.95
CG MSE C 56 -5.04 -16.53 6.08
SE MSE C 56 -6.93 -16.73 6.15
CE MSE C 56 -7.32 -15.95 8.02
N ILE C 57 -2.03 -14.86 6.91
CA ILE C 57 -1.85 -13.50 7.40
C ILE C 57 -3.04 -12.74 6.84
N THR C 58 -3.84 -12.21 7.74
CA THR C 58 -4.97 -11.40 7.27
C THR C 58 -5.08 -10.02 7.92
N ASP C 59 -5.72 -9.10 7.20
CA ASP C 59 -6.18 -7.81 7.74
C ASP C 59 -7.50 -8.00 8.42
N LEU C 60 -7.90 -7.02 9.20
CA LEU C 60 -9.24 -6.98 9.77
C LEU C 60 -10.22 -6.16 8.91
N ARG C 61 -9.68 -5.16 8.27
CA ARG C 61 -10.45 -4.17 7.58
C ARG C 61 -10.64 -4.59 6.13
N MSE C 62 -11.77 -5.19 5.84
CA MSE C 62 -12.06 -5.61 4.47
C MSE C 62 -13.52 -5.59 4.36
O MSE C 62 -14.21 -5.76 5.34
CB MSE C 62 -11.55 -7.05 4.21
CG MSE C 62 -10.10 -7.19 4.43
SE MSE C 62 -9.48 -9.04 4.07
CE MSE C 62 -10.73 -9.96 5.20
N GLN C 63 -14.00 -5.44 3.13
CA GLN C 63 -15.44 -5.40 2.83
C GLN C 63 -15.81 -6.22 1.58
N PRO C 64 -17.01 -6.84 1.52
CA PRO C 64 -18.16 -6.90 2.44
C PRO C 64 -17.96 -7.68 3.71
N GLU C 65 -17.05 -8.64 3.70
CA GLU C 65 -16.82 -9.44 4.89
C GLU C 65 -15.49 -9.04 5.60
N SER C 66 -15.57 -8.82 6.90
CA SER C 66 -14.41 -8.40 7.70
C SER C 66 -13.47 -9.58 7.98
N GLY C 67 -12.24 -9.25 8.40
CA GLY C 67 -11.27 -10.22 8.87
C GLY C 67 -11.76 -11.03 10.05
N LEU C 68 -12.48 -10.38 10.96
CA LEU C 68 -13.05 -11.08 12.11
C LEU C 68 -14.11 -12.12 11.70
N ASP C 69 -15.01 -11.70 10.82
CA ASP C 69 -15.95 -12.61 10.20
C ASP C 69 -15.27 -13.81 9.53
N LEU C 70 -14.22 -13.55 8.74
CA LEU C 70 -13.40 -14.59 8.12
C LEU C 70 -12.83 -15.58 9.15
N ILE C 71 -12.17 -15.06 10.19
CA ILE C 71 -11.60 -15.91 11.23
C ILE C 71 -12.69 -16.77 11.90
N ARG C 72 -13.84 -16.17 12.20
CA ARG C 72 -14.94 -16.91 12.81
C ARG C 72 -15.33 -18.13 11.95
N THR C 73 -15.59 -17.92 10.66
CA THR C 73 -15.94 -19.00 9.74
C THR C 73 -14.84 -20.08 9.69
N ILE C 74 -13.58 -19.68 9.67
CA ILE C 74 -12.48 -20.63 9.69
C ILE C 74 -12.46 -21.48 10.95
N ARG C 75 -12.66 -20.85 12.12
CA ARG C 75 -12.67 -21.57 13.39
C ARG C 75 -13.86 -22.54 13.55
N ALA C 76 -14.94 -22.29 12.81
CA ALA C 76 -16.09 -23.21 12.66
C ALA C 76 -16.02 -24.17 11.42
N SER C 77 -14.82 -24.44 10.92
CA SER C 77 -14.70 -25.20 9.68
C SER C 77 -13.73 -26.33 9.97
N GLU C 78 -13.45 -27.15 8.96
CA GLU C 78 -12.45 -28.22 9.09
C GLU C 78 -11.02 -27.69 9.21
N ARG C 79 -10.83 -26.42 8.81
CA ARG C 79 -9.55 -25.73 8.91
C ARG C 79 -9.38 -25.01 10.28
N ALA C 80 -10.16 -25.41 11.29
CA ALA C 80 -10.21 -24.72 12.59
C ALA C 80 -8.88 -24.52 13.27
N ALA C 81 -7.89 -25.37 12.99
CA ALA C 81 -6.60 -25.23 13.66
C ALA C 81 -5.60 -24.39 12.89
N LEU C 82 -6.04 -23.79 11.79
CA LEU C 82 -5.16 -22.98 10.94
C LEU C 82 -4.48 -21.89 11.76
N SER C 83 -3.15 -21.85 11.67
CA SER C 83 -2.37 -20.72 12.19
C SER C 83 -2.75 -19.43 11.48
N ILE C 84 -3.16 -18.42 12.27
CA ILE C 84 -3.55 -17.08 11.75
C ILE C 84 -2.75 -15.94 12.40
N ILE C 85 -2.11 -15.10 11.59
CA ILE C 85 -1.52 -13.87 12.12
C ILE C 85 -2.39 -12.72 11.62
N VAL C 86 -2.75 -11.78 12.49
CA VAL C 86 -3.48 -10.58 12.04
C VAL C 86 -2.54 -9.38 11.84
N VAL C 87 -2.59 -8.72 10.69
CA VAL C 87 -1.86 -7.47 10.43
C VAL C 87 -2.93 -6.43 10.09
N SER C 88 -3.30 -5.61 11.08
CA SER C 88 -4.52 -4.85 10.98
C SER C 88 -4.32 -3.35 10.71
N GLY C 89 -5.18 -2.80 9.87
CA GLY C 89 -5.35 -1.37 9.80
C GLY C 89 -6.14 -0.93 11.03
N ASP C 90 -6.85 0.20 10.93
CA ASP C 90 -7.57 0.80 12.07
C ASP C 90 -8.47 -0.22 12.76
N THR C 91 -8.36 -0.29 14.07
CA THR C 91 -9.13 -1.28 14.85
C THR C 91 -9.31 -0.67 16.27
N ASP C 92 -9.79 -1.46 17.22
CA ASP C 92 -9.94 -0.91 18.56
C ASP C 92 -9.78 -2.07 19.52
N VAL C 93 -9.77 -1.76 20.81
CA VAL C 93 -9.51 -2.73 21.84
C VAL C 93 -10.53 -3.86 21.86
N GLU C 94 -11.81 -3.56 21.69
CA GLU C 94 -12.83 -4.59 21.82
C GLU C 94 -12.73 -5.56 20.63
N GLU C 95 -12.46 -5.06 19.42
CA GLU C 95 -12.22 -5.94 18.27
C GLU C 95 -10.93 -6.75 18.44
N ALA C 96 -9.86 -6.15 18.96
CA ALA C 96 -8.64 -6.96 19.20
C ALA C 96 -8.86 -8.10 20.19
N VAL C 97 -9.64 -7.80 21.23
CA VAL C 97 -10.01 -8.80 22.21
C VAL C 97 -10.90 -9.92 21.59
N ASP C 98 -11.91 -9.55 20.77
CA ASP C 98 -12.74 -10.55 20.03
C ASP C 98 -11.87 -11.50 19.19
N VAL C 99 -10.95 -10.88 18.45
CA VAL C 99 -9.97 -11.60 17.59
C VAL C 99 -9.01 -12.53 18.40
N MSE C 100 -8.39 -12.01 19.45
CA MSE C 100 -7.58 -12.84 20.37
C MSE C 100 -8.33 -14.03 21.01
O MSE C 100 -7.75 -15.10 21.18
CB MSE C 100 -6.91 -11.97 21.43
CG MSE C 100 -5.87 -10.93 20.86
SE MSE C 100 -4.40 -11.89 19.97
CE MSE C 100 -3.49 -12.61 21.54
N HIS C 101 -9.61 -13.86 21.33
CA HIS C 101 -10.44 -14.96 21.84
C HIS C 101 -10.55 -16.09 20.82
N LEU C 102 -10.44 -15.76 19.53
CA LEU C 102 -10.54 -16.77 18.45
C LEU C 102 -9.25 -17.53 18.23
N GLY C 103 -8.17 -17.19 18.92
CA GLY C 103 -6.96 -17.97 18.89
C GLY C 103 -5.84 -17.59 17.94
N VAL C 104 -5.82 -16.38 17.42
CA VAL C 104 -4.73 -15.98 16.54
C VAL C 104 -3.34 -16.08 17.20
N VAL C 105 -2.32 -16.24 16.39
CA VAL C 105 -0.93 -16.42 16.82
C VAL C 105 -0.35 -15.08 17.35
N ASP C 106 -0.55 -14.03 16.57
CA ASP C 106 -0.23 -12.68 17.02
C ASP C 106 -1.10 -11.68 16.24
N PHE C 107 -0.98 -10.41 16.63
CA PHE C 107 -1.90 -9.37 16.17
C PHE C 107 -0.99 -8.15 16.09
N LEU C 108 -0.71 -7.73 14.85
CA LEU C 108 0.22 -6.64 14.59
C LEU C 108 -0.58 -5.54 13.98
N LEU C 109 -0.15 -4.32 14.21
CA LEU C 109 -0.79 -3.14 13.63
C LEU C 109 -0.02 -2.64 12.43
N LYS C 110 -0.73 -2.22 11.39
CA LYS C 110 -0.10 -1.59 10.24
C LYS C 110 0.33 -0.20 10.75
N PRO C 111 1.45 0.38 10.25
CA PRO C 111 2.36 -0.11 9.20
C PRO C 111 3.21 -1.20 9.81
N VAL C 112 3.25 -2.36 9.14
CA VAL C 112 3.70 -3.56 9.83
C VAL C 112 5.21 -3.53 9.93
N ASP C 113 5.68 -4.06 11.04
CA ASP C 113 7.08 -4.32 11.26
C ASP C 113 7.45 -5.66 10.59
N LEU C 114 8.05 -5.61 9.41
CA LEU C 114 8.22 -6.85 8.61
C LEU C 114 9.19 -7.86 9.24
N GLY C 115 10.15 -7.33 9.98
CA GLY C 115 11.16 -8.14 10.69
C GLY C 115 10.45 -8.89 11.77
N LYS C 116 9.60 -8.20 12.52
CA LYS C 116 8.81 -8.90 13.52
C LYS C 116 7.90 -9.92 12.86
N LEU C 117 7.25 -9.51 11.76
CA LEU C 117 6.33 -10.42 11.04
C LEU C 117 7.01 -11.74 10.62
N LEU C 118 8.18 -11.60 10.03
CA LEU C 118 8.95 -12.72 9.52
C LEU C 118 9.32 -13.67 10.67
N GLU C 119 9.78 -13.09 11.77
CA GLU C 119 10.13 -13.82 12.97
C GLU C 119 8.95 -14.65 13.46
N LEU C 120 7.75 -14.06 13.54
CA LEU C 120 6.53 -14.83 13.88
C LEU C 120 6.19 -15.91 12.87
N VAL C 121 6.34 -15.58 11.59
CA VAL C 121 6.12 -16.52 10.51
C VAL C 121 7.15 -17.68 10.64
N ASN C 122 8.44 -17.36 10.70
CA ASN C 122 9.46 -18.42 10.87
C ASN C 122 9.17 -19.41 11.98
N LYS C 123 8.73 -18.91 13.13
CA LYS C 123 8.48 -19.72 14.32
C LYS C 123 7.23 -20.61 14.18
N GLU C 124 6.36 -20.28 13.23
CA GLU C 124 5.05 -20.91 13.15
C GLU C 124 4.97 -22.13 12.19
N PRO D 8 15.12 23.18 -47.16
CA PRO D 8 14.25 22.76 -46.02
C PRO D 8 12.94 22.09 -46.51
N LEU D 9 12.77 20.83 -46.13
CA LEU D 9 11.74 19.96 -46.71
C LEU D 9 11.08 19.11 -45.58
N VAL D 10 9.76 18.94 -45.67
CA VAL D 10 8.99 18.29 -44.61
C VAL D 10 8.57 17.03 -45.27
N LEU D 11 8.81 15.87 -44.64
CA LEU D 11 8.23 14.60 -45.09
C LEU D 11 6.96 14.32 -44.28
N VAL D 12 5.90 13.98 -45.01
CA VAL D 12 4.60 13.71 -44.42
C VAL D 12 4.29 12.25 -44.66
N VAL D 13 4.09 11.49 -43.57
CA VAL D 13 3.90 10.02 -43.65
C VAL D 13 2.53 9.50 -43.19
N ASP D 14 1.79 8.84 -44.08
CA ASP D 14 0.41 8.41 -43.78
C ASP D 14 0.00 7.43 -44.86
N ASP D 15 -0.60 6.32 -44.47
CA ASP D 15 -1.16 5.45 -45.48
C ASP D 15 -2.51 5.90 -46.05
N ASN D 16 -3.00 7.05 -45.63
CA ASN D 16 -4.25 7.62 -46.13
C ASN D 16 -3.93 8.79 -47.06
N ALA D 17 -4.22 8.60 -48.34
CA ALA D 17 -3.81 9.54 -49.37
C ALA D 17 -4.47 10.91 -49.28
N VAL D 18 -5.74 10.95 -48.83
CA VAL D 18 -6.46 12.22 -48.70
C VAL D 18 -5.84 13.10 -47.64
N ASN D 19 -5.52 12.48 -46.50
CA ASN D 19 -4.92 13.25 -45.41
C ASN D 19 -3.51 13.70 -45.75
N ARG D 20 -2.75 12.75 -46.29
CA ARG D 20 -1.35 13.01 -46.76
C ARG D 20 -1.29 14.17 -47.76
N GLU D 21 -2.01 14.03 -48.88
CA GLU D 21 -2.11 15.13 -49.89
C GLU D 21 -2.64 16.45 -49.32
N ALA D 22 -3.70 16.41 -48.48
CA ALA D 22 -4.23 17.65 -47.92
C ALA D 22 -3.16 18.38 -47.13
N LEU D 23 -2.41 17.63 -46.34
CA LEU D 23 -1.43 18.29 -45.49
C LEU D 23 -0.26 18.78 -46.37
N ILE D 24 0.12 18.00 -47.36
CA ILE D 24 1.22 18.45 -48.25
C ILE D 24 0.81 19.76 -48.97
N LEU D 25 -0.35 19.69 -49.59
CA LEU D 25 -0.87 20.80 -50.39
C LEU D 25 -1.04 21.97 -49.50
N TYR D 26 -1.54 21.73 -48.29
CA TYR D 26 -1.66 22.81 -47.35
C TYR D 26 -0.34 23.49 -47.03
N LEU D 27 0.67 22.70 -46.66
CA LEU D 27 1.97 23.26 -46.31
C LEU D 27 2.60 24.01 -47.48
N LYS D 28 2.68 23.34 -48.63
CA LYS D 28 3.24 23.91 -49.82
C LYS D 28 2.59 25.18 -50.33
N SER D 29 1.26 25.19 -50.20
CA SER D 29 0.43 26.38 -50.46
C SER D 29 0.63 27.44 -49.38
N ARG D 30 1.32 27.07 -48.31
CA ARG D 30 1.90 28.08 -47.40
C ARG D 30 3.41 28.14 -47.77
N GLY D 31 4.28 28.70 -46.92
CA GLY D 31 5.67 28.80 -47.35
C GLY D 31 6.59 27.57 -47.27
N ILE D 32 6.00 26.38 -47.01
CA ILE D 32 6.76 25.17 -46.62
C ILE D 32 6.69 23.98 -47.62
N ASP D 33 7.84 23.65 -48.20
CA ASP D 33 7.93 22.52 -49.14
C ASP D 33 7.82 21.20 -48.38
N ALA D 34 7.23 20.18 -49.04
CA ALA D 34 6.82 18.94 -48.40
C ALA D 34 6.67 17.83 -49.41
N VAL D 35 6.99 16.59 -49.00
CA VAL D 35 6.89 15.39 -49.85
C VAL D 35 6.24 14.31 -49.02
N GLY D 36 5.69 13.28 -49.64
CA GLY D 36 4.93 12.31 -48.91
C GLY D 36 5.42 10.91 -49.03
N ALA D 37 5.17 10.12 -48.00
CA ALA D 37 5.45 8.68 -48.04
C ALA D 37 4.26 7.97 -47.50
N ASP D 38 4.09 6.71 -47.87
CA ASP D 38 2.83 6.04 -47.54
C ASP D 38 2.94 4.93 -46.51
N GLY D 39 4.09 4.85 -45.86
CA GLY D 39 4.38 3.72 -44.96
C GLY D 39 5.76 3.93 -44.41
N ALA D 40 6.16 3.09 -43.48
CA ALA D 40 7.48 3.17 -42.83
C ALA D 40 8.66 2.88 -43.78
N GLU D 41 8.53 1.85 -44.61
CA GLU D 41 9.55 1.52 -45.63
C GLU D 41 9.82 2.70 -46.55
N GLU D 42 8.77 3.24 -47.16
CA GLU D 42 8.96 4.41 -48.01
C GLU D 42 9.51 5.63 -47.27
N ALA D 43 9.15 5.83 -45.99
CA ALA D 43 9.65 7.01 -45.24
C ALA D 43 11.14 6.86 -45.05
N ARG D 44 11.56 5.66 -44.66
CA ARG D 44 12.99 5.35 -44.46
C ARG D 44 13.80 5.55 -45.75
N LEU D 45 13.25 5.07 -46.86
CA LEU D 45 13.80 5.35 -48.19
C LEU D 45 14.04 6.83 -48.44
N TYR D 46 13.02 7.67 -48.27
CA TYR D 46 13.20 9.11 -48.46
C TYR D 46 14.15 9.73 -47.48
N LEU D 47 14.04 9.32 -46.21
CA LEU D 47 15.00 9.81 -45.22
C LEU D 47 16.45 9.49 -45.64
N HIS D 48 16.66 8.25 -46.11
CA HIS D 48 18.00 7.81 -46.52
C HIS D 48 18.53 8.64 -47.68
N TYR D 49 17.77 8.69 -48.76
CA TYR D 49 18.22 9.30 -50.02
C TYR D 49 18.02 10.80 -50.19
N GLN D 50 17.12 11.39 -49.40
CA GLN D 50 16.72 12.79 -49.59
C GLN D 50 17.07 13.63 -48.37
N LYS D 51 18.28 14.14 -48.38
CA LYS D 51 18.88 14.72 -47.19
C LYS D 51 18.37 16.09 -46.82
N ARG D 52 17.64 16.76 -47.71
CA ARG D 52 17.06 18.07 -47.32
C ARG D 52 15.96 17.94 -46.25
N ILE D 53 15.33 16.76 -46.14
CA ILE D 53 14.22 16.50 -45.16
C ILE D 53 14.67 16.86 -43.79
N GLY D 54 14.03 17.86 -43.18
CA GLY D 54 14.43 18.37 -41.90
C GLY D 54 13.43 18.16 -40.78
N LEU D 55 12.27 17.62 -41.12
CA LEU D 55 11.21 17.39 -40.18
C LEU D 55 10.27 16.38 -40.81
N MSE D 56 9.71 15.47 -40.00
CA MSE D 56 8.78 14.47 -40.48
C MSE D 56 7.48 14.54 -39.70
O MSE D 56 7.52 14.59 -38.48
CB MSE D 56 9.38 13.07 -40.26
CG MSE D 56 8.55 12.00 -40.87
SE MSE D 56 9.28 10.13 -40.58
CE MSE D 56 8.80 9.85 -38.66
N ILE D 57 6.35 14.49 -40.38
CA ILE D 57 5.06 14.38 -39.68
C ILE D 57 4.60 12.99 -40.00
N THR D 58 4.23 12.24 -38.97
CA THR D 58 3.75 10.89 -39.19
C THR D 58 2.48 10.58 -38.40
N ASP D 59 1.67 9.66 -38.97
CA ASP D 59 0.63 8.96 -38.22
C ASP D 59 1.20 7.77 -37.45
N LEU D 60 0.38 7.19 -36.57
CA LEU D 60 0.75 6.00 -35.79
C LEU D 60 0.17 4.72 -36.39
N ARG D 61 -1.02 4.84 -36.94
CA ARG D 61 -1.70 3.70 -37.55
C ARG D 61 -1.27 3.50 -39.00
N MSE D 62 -0.33 2.73 -39.07
CA MSE D 62 -0.11 2.43 -40.49
C MSE D 62 0.04 0.93 -40.72
O MSE D 62 -0.15 0.13 -39.79
CB MSE D 62 1.13 3.17 -41.00
CG MSE D 62 0.96 4.68 -41.04
SE MSE D 62 2.53 5.58 -41.79
CE MSE D 62 3.73 5.43 -40.25
N GLN D 63 0.20 0.45 -42.18
CA GLN D 63 -0.10 -0.87 -42.73
C GLN D 63 0.56 -1.97 -41.90
N PRO D 64 1.73 -2.42 -42.36
CA PRO D 64 2.47 -3.48 -41.67
C PRO D 64 3.36 -2.97 -40.53
N GLU D 65 4.08 -1.86 -40.76
CA GLU D 65 4.94 -1.30 -39.74
C GLU D 65 4.22 -0.12 -39.20
N SER D 66 4.16 -0.02 -37.87
CA SER D 66 3.42 1.09 -37.22
C SER D 66 4.24 2.38 -37.23
N GLY D 67 3.58 3.50 -36.95
CA GLY D 67 4.28 4.76 -36.75
C GLY D 67 5.31 4.68 -35.61
N LEU D 68 4.97 4.01 -34.52
CA LEU D 68 5.90 3.85 -33.40
C LEU D 68 7.14 3.05 -33.79
N ASP D 69 6.91 1.91 -34.48
CA ASP D 69 8.04 1.14 -35.01
C ASP D 69 8.89 1.96 -35.94
N LEU D 70 8.26 2.81 -36.76
CA LEU D 70 9.04 3.68 -37.62
C LEU D 70 9.94 4.59 -36.84
N ILE D 71 9.39 5.24 -35.78
CA ILE D 71 10.15 6.23 -35.02
C ILE D 71 11.36 5.54 -34.35
N ARG D 72 11.15 4.33 -33.85
CA ARG D 72 12.24 3.57 -33.22
C ARG D 72 13.40 3.31 -34.17
N THR D 73 13.08 2.89 -35.40
CA THR D 73 14.14 2.66 -36.40
C THR D 73 14.89 3.93 -36.69
N ILE D 74 14.17 5.06 -36.71
CA ILE D 74 14.86 6.37 -36.90
C ILE D 74 15.78 6.74 -35.71
N ARG D 75 15.33 6.50 -34.48
CA ARG D 75 16.14 6.84 -33.30
C ARG D 75 17.36 5.91 -33.17
N ALA D 76 17.28 4.71 -33.75
CA ALA D 76 18.41 3.77 -33.81
C ALA D 76 19.38 4.06 -34.97
N SER D 77 19.23 5.19 -35.65
CA SER D 77 19.94 5.38 -36.90
C SER D 77 20.82 6.61 -36.90
N GLU D 78 21.47 6.82 -38.03
CA GLU D 78 22.16 8.08 -38.30
C GLU D 78 21.24 9.30 -38.36
N ARG D 79 19.93 9.08 -38.51
CA ARG D 79 18.97 10.21 -38.54
C ARG D 79 18.23 10.43 -37.22
N ALA D 80 18.81 9.92 -36.12
CA ALA D 80 18.24 9.95 -34.79
C ALA D 80 17.81 11.32 -34.28
N ALA D 81 18.45 12.39 -34.74
CA ALA D 81 18.13 13.75 -34.33
C ALA D 81 16.96 14.34 -35.08
N LEU D 82 16.39 13.58 -36.02
CA LEU D 82 15.32 14.10 -36.87
C LEU D 82 14.13 14.63 -36.03
N SER D 83 13.66 15.84 -36.33
CA SER D 83 12.47 16.36 -35.71
C SER D 83 11.26 15.62 -36.26
N ILE D 84 10.47 15.07 -35.34
CA ILE D 84 9.29 14.30 -35.69
C ILE D 84 8.07 14.83 -34.90
N ILE D 85 7.01 15.12 -35.65
CA ILE D 85 5.69 15.48 -35.07
C ILE D 85 4.75 14.31 -35.39
N VAL D 86 4.06 13.82 -34.36
CA VAL D 86 3.11 12.76 -34.52
C VAL D 86 1.71 13.39 -34.59
N VAL D 87 0.87 12.88 -35.50
CA VAL D 87 -0.54 13.30 -35.63
C VAL D 87 -1.31 11.99 -35.72
N SER D 88 -2.14 11.69 -34.73
CA SER D 88 -2.73 10.37 -34.62
C SER D 88 -4.27 10.34 -34.49
N GLY D 89 -4.91 9.27 -34.91
CA GLY D 89 -6.36 9.15 -34.70
C GLY D 89 -6.84 8.03 -33.78
N ASP D 90 -6.25 6.86 -33.89
CA ASP D 90 -6.70 5.71 -33.13
C ASP D 90 -5.48 5.43 -32.29
N THR D 91 -5.46 5.92 -31.06
CA THR D 91 -4.32 5.62 -30.18
C THR D 91 -4.79 5.39 -28.76
N ASP D 92 -3.84 5.27 -27.83
CA ASP D 92 -4.18 5.10 -26.41
C ASP D 92 -3.05 5.60 -25.53
N VAL D 93 -3.32 5.67 -24.24
CA VAL D 93 -2.39 6.28 -23.29
C VAL D 93 -1.01 5.63 -23.31
N GLU D 94 -0.96 4.28 -23.27
CA GLU D 94 0.33 3.58 -23.24
C GLU D 94 1.15 3.79 -24.51
N GLU D 95 0.48 3.87 -25.65
CA GLU D 95 1.18 4.14 -26.92
C GLU D 95 1.70 5.58 -26.98
N ALA D 96 0.85 6.53 -26.56
CA ALA D 96 1.28 7.92 -26.53
C ALA D 96 2.53 8.10 -25.63
N VAL D 97 2.53 7.48 -24.47
CA VAL D 97 3.71 7.52 -23.55
C VAL D 97 4.93 6.84 -24.22
N ASP D 98 4.75 5.63 -24.80
CA ASP D 98 5.82 4.97 -25.58
C ASP D 98 6.45 5.93 -26.61
N VAL D 99 5.58 6.60 -27.36
CA VAL D 99 6.04 7.52 -28.40
C VAL D 99 6.69 8.73 -27.80
N MSE D 100 6.09 9.28 -26.73
CA MSE D 100 6.69 10.49 -26.06
C MSE D 100 8.10 10.18 -25.50
O MSE D 100 9.01 11.05 -25.50
CB MSE D 100 5.73 11.07 -25.01
CG MSE D 100 4.51 11.78 -25.58
SE MSE D 100 4.97 13.35 -26.58
CE MSE D 100 5.41 14.57 -25.05
N HIS D 101 8.32 8.93 -25.05
CA HIS D 101 9.72 8.52 -24.64
C HIS D 101 10.78 8.60 -25.77
N LEU D 102 10.32 8.59 -27.01
CA LEU D 102 11.24 8.67 -28.16
C LEU D 102 11.53 10.08 -28.58
N GLY D 103 11.12 11.06 -27.80
CA GLY D 103 11.53 12.44 -28.09
C GLY D 103 10.84 13.20 -29.23
N VAL D 104 9.58 12.88 -29.56
CA VAL D 104 8.88 13.61 -30.62
C VAL D 104 8.63 15.07 -30.19
N VAL D 105 8.63 15.98 -31.16
CA VAL D 105 8.33 17.42 -30.92
C VAL D 105 6.93 17.58 -30.30
N ASP D 106 5.92 16.92 -30.89
CA ASP D 106 4.60 16.93 -30.28
C ASP D 106 3.80 15.76 -30.79
N PHE D 107 2.64 15.55 -30.18
CA PHE D 107 1.82 14.43 -30.40
C PHE D 107 0.43 15.08 -30.39
N LEU D 108 -0.22 15.09 -31.55
CA LEU D 108 -1.49 15.81 -31.73
C LEU D 108 -2.58 14.81 -32.09
N LEU D 109 -3.75 14.92 -31.48
CA LEU D 109 -4.86 14.05 -31.89
C LEU D 109 -5.61 14.58 -33.10
N LYS D 110 -6.11 13.70 -33.93
CA LYS D 110 -7.03 14.11 -34.98
C LYS D 110 -8.41 14.36 -34.42
N PRO D 111 -9.20 15.20 -35.07
CA PRO D 111 -8.94 15.78 -36.38
C PRO D 111 -7.90 16.90 -36.41
N VAL D 112 -7.16 16.98 -37.52
CA VAL D 112 -5.95 17.80 -37.61
C VAL D 112 -6.22 19.22 -37.13
N ASP D 113 -5.65 20.21 -37.83
CA ASP D 113 -5.86 21.60 -37.46
C ASP D 113 -5.15 22.61 -38.35
N LEU D 114 -3.96 23.03 -37.94
CA LEU D 114 -3.25 24.16 -38.58
C LEU D 114 -2.41 24.94 -37.55
N GLY D 115 -2.72 24.81 -36.26
CA GLY D 115 -1.75 25.06 -35.18
C GLY D 115 -0.60 24.05 -35.28
N LYS D 116 -0.65 23.24 -36.34
CA LYS D 116 0.40 22.31 -36.66
C LYS D 116 1.43 23.00 -37.53
N LEU D 117 0.96 23.77 -38.52
CA LEU D 117 1.82 24.70 -39.27
C LEU D 117 2.64 25.57 -38.32
N LEU D 118 2.00 26.06 -37.26
CA LEU D 118 2.67 26.75 -36.16
C LEU D 118 3.84 25.92 -35.61
N GLU D 119 3.59 24.63 -35.39
CA GLU D 119 4.62 23.67 -34.93
C GLU D 119 5.83 23.55 -35.86
N LEU D 120 5.55 23.40 -37.15
CA LEU D 120 6.58 23.28 -38.18
C LEU D 120 7.51 24.45 -38.28
N VAL D 121 6.95 25.65 -38.40
CA VAL D 121 7.73 26.86 -38.60
C VAL D 121 8.54 27.15 -37.35
N ASN D 122 7.99 26.77 -36.19
CA ASN D 122 8.75 26.72 -34.95
C ASN D 122 10.03 25.90 -35.07
N LYS D 123 9.93 24.73 -35.72
CA LYS D 123 11.03 23.76 -35.85
C LYS D 123 12.15 24.10 -36.84
N GLU D 124 11.79 24.59 -38.01
CA GLU D 124 12.78 25.18 -38.94
C GLU D 124 12.88 26.70 -38.87
#